data_6KEO
#
_entry.id   6KEO
#
_cell.length_a   58.398
_cell.length_b   75.080
_cell.length_c   109.015
_cell.angle_alpha   90.000
_cell.angle_beta   90.000
_cell.angle_gamma   90.000
#
_symmetry.space_group_name_H-M   'P 21 21 21'
#
loop_
_entity.id
_entity.type
_entity.pdbx_description
1 polymer 'Glutathione S-transferase E14'
2 non-polymer ESTRADIOL
3 non-polymer 2-AMINO-2-HYDROXYMETHYL-PROPANE-1,3-DIOL
4 water water
#
_entity_poly.entity_id   1
_entity_poly.type   'polypeptide(L)'
_entity_poly.pdbx_seq_one_letter_code
;MNHKVHMMSQPKPILYYDERSPPVRSCLMLIKLLDIDVELRFVNLFKGEQFQKDFLALNPQHSVPTLVHGDLVLTDSHAI
LIHLAEKFDEGGSLWPQEHAERMKVLNLLLFECSFLFRRDSDFMSAIVRQGFANVDVAHHERKLTEAYIIMERYLENSDF
MAGPQLTLADLSIVTTLSTVNLMFPLSQFPRLRRWFTAMQQLDAYEANCSGLEKLRQTMESVGSFQFPSSSAVVTEKVE
;
_entity_poly.pdbx_strand_id   AA,BA
#
# COMPACT_ATOMS: atom_id res chain seq x y z
N PRO A 11 -2.63 -26.21 -11.43
CA PRO A 11 -2.05 -26.58 -10.15
C PRO A 11 -2.60 -25.71 -9.03
N LYS A 12 -2.65 -26.26 -7.82
CA LYS A 12 -3.23 -25.51 -6.72
C LYS A 12 -2.28 -24.42 -6.28
N PRO A 13 -2.80 -23.37 -5.67
CA PRO A 13 -1.95 -22.23 -5.31
C PRO A 13 -0.91 -22.62 -4.28
N ILE A 14 0.25 -21.97 -4.36
CA ILE A 14 1.34 -22.12 -3.41
C ILE A 14 1.50 -20.79 -2.69
N LEU A 15 1.52 -20.83 -1.36
CA LEU A 15 1.69 -19.62 -0.55
C LEU A 15 2.98 -19.70 0.26
N TYR A 16 3.90 -18.79 -0.04
CA TYR A 16 5.11 -18.61 0.74
C TYR A 16 4.77 -17.69 1.90
N TYR A 17 5.09 -18.09 3.13
CA TYR A 17 4.42 -17.48 4.27
C TYR A 17 5.31 -17.48 5.50
N ASP A 18 5.02 -16.54 6.40
CA ASP A 18 5.51 -16.54 7.78
C ASP A 18 4.33 -16.00 8.57
N GLU A 19 3.70 -16.85 9.38
CA GLU A 19 2.44 -16.45 9.98
C GLU A 19 2.60 -15.31 10.99
N ARG A 20 3.82 -14.94 11.35
CA ARG A 20 3.97 -13.80 12.24
C ARG A 20 3.57 -12.50 11.55
N SER A 21 3.61 -12.47 10.22
CA SER A 21 3.26 -11.25 9.47
C SER A 21 1.76 -11.10 9.33
N PRO A 22 1.18 -9.93 9.67
CA PRO A 22 -0.30 -9.83 9.63
C PRO A 22 -0.85 -9.97 8.23
N PRO A 23 -0.23 -9.41 7.19
CA PRO A 23 -0.77 -9.65 5.84
C PRO A 23 -0.72 -11.12 5.44
N VAL A 24 0.25 -11.89 5.95
CA VAL A 24 0.20 -13.34 5.75
C VAL A 24 -1.05 -13.89 6.41
N ARG A 25 -1.30 -13.49 7.66
CA ARG A 25 -2.47 -14.01 8.35
C ARG A 25 -3.78 -13.61 7.65
N SER A 26 -3.82 -12.46 6.97
CA SER A 26 -5.04 -12.11 6.23
C SER A 26 -5.31 -13.13 5.14
N CYS A 27 -4.27 -13.55 4.42
CA CYS A 27 -4.43 -14.59 3.42
C CYS A 27 -4.81 -15.92 4.06
N LEU A 28 -4.22 -16.26 5.20
CA LEU A 28 -4.61 -17.51 5.86
C LEU A 28 -6.08 -17.49 6.26
N MET A 29 -6.57 -16.35 6.76
CA MET A 29 -7.99 -16.22 7.09
C MET A 29 -8.87 -16.44 5.85
N LEU A 30 -8.50 -15.83 4.71
CA LEU A 30 -9.35 -16.01 3.52
C LEU A 30 -9.33 -17.47 3.05
N ILE A 31 -8.16 -18.09 3.06
CA ILE A 31 -8.01 -19.50 2.70
C ILE A 31 -8.89 -20.39 3.58
N LYS A 32 -8.91 -20.13 4.89
CA LYS A 32 -9.80 -20.89 5.77
C LYS A 32 -11.28 -20.59 5.47
N LEU A 33 -11.62 -19.32 5.29
CA LEU A 33 -13.00 -18.92 5.07
C LEU A 33 -13.60 -19.59 3.84
N LEU A 34 -12.84 -19.65 2.75
CA LEU A 34 -13.31 -20.23 1.49
C LEU A 34 -12.92 -21.69 1.32
N ASP A 35 -12.24 -22.27 2.30
CA ASP A 35 -11.79 -23.66 2.22
C ASP A 35 -10.94 -23.92 0.99
N ILE A 36 -10.02 -23.02 0.72
CA ILE A 36 -9.16 -23.15 -0.45
C ILE A 36 -8.04 -24.13 -0.13
N ASP A 37 -7.82 -25.08 -1.05
CA ASP A 37 -6.70 -25.99 -0.89
C ASP A 37 -5.45 -25.31 -1.42
N VAL A 38 -4.46 -25.08 -0.55
N VAL A 38 -4.47 -25.07 -0.54
CA VAL A 38 -3.26 -24.34 -0.90
CA VAL A 38 -3.25 -24.33 -0.86
C VAL A 38 -2.06 -25.02 -0.26
C VAL A 38 -2.07 -25.07 -0.27
N GLU A 39 -0.94 -25.05 -0.98
CA GLU A 39 0.30 -25.58 -0.43
C GLU A 39 1.07 -24.46 0.25
N LEU A 40 1.46 -24.68 1.50
CA LEU A 40 2.17 -23.69 2.29
C LEU A 40 3.66 -23.97 2.31
N ARG A 41 4.47 -22.94 2.04
CA ARG A 41 5.92 -23.04 2.07
C ARG A 41 6.45 -21.96 3.01
N PHE A 42 7.03 -22.38 4.12
CA PHE A 42 7.48 -21.45 5.14
C PHE A 42 8.75 -20.72 4.71
N VAL A 43 8.76 -19.39 4.93
CA VAL A 43 9.92 -18.52 4.73
C VAL A 43 10.10 -17.75 6.04
N ASN A 44 11.19 -18.02 6.77
CA ASN A 44 11.40 -17.41 8.09
C ASN A 44 11.96 -16.01 7.95
N LEU A 45 11.08 -15.01 8.13
CA LEU A 45 11.48 -13.62 7.94
C LEU A 45 12.51 -13.16 8.94
N PHE A 46 12.46 -13.68 10.17
CA PHE A 46 13.42 -13.21 11.17
C PHE A 46 14.80 -13.82 10.97
N LYS A 47 14.87 -15.01 10.37
CA LYS A 47 16.14 -15.63 10.00
C LYS A 47 16.70 -15.12 8.67
N GLY A 48 15.97 -14.26 7.96
CA GLY A 48 16.44 -13.77 6.68
C GLY A 48 16.29 -14.72 5.52
N GLU A 49 15.40 -15.71 5.62
CA GLU A 49 15.25 -16.67 4.51
C GLU A 49 14.63 -16.04 3.28
N GLN A 50 14.02 -14.86 3.39
CA GLN A 50 13.48 -14.16 2.24
C GLN A 50 14.58 -13.58 1.36
N PHE A 51 15.83 -13.62 1.82
CA PHE A 51 16.97 -13.18 1.03
C PHE A 51 17.71 -14.34 0.37
N GLN A 52 17.24 -15.57 0.54
N GLN A 52 17.25 -15.57 0.55
CA GLN A 52 17.87 -16.68 -0.14
CA GLN A 52 17.81 -16.72 -0.16
C GLN A 52 17.71 -16.55 -1.65
C GLN A 52 17.72 -16.49 -1.66
N LYS A 53 18.75 -16.95 -2.39
CA LYS A 53 18.85 -16.63 -3.81
C LYS A 53 17.59 -17.04 -4.59
N ASP A 54 17.06 -18.24 -4.33
CA ASP A 54 15.91 -18.71 -5.06
C ASP A 54 14.65 -17.89 -4.77
N PHE A 55 14.43 -17.53 -3.50
CA PHE A 55 13.24 -16.74 -3.20
C PHE A 55 13.37 -15.33 -3.79
N LEU A 56 14.56 -14.73 -3.70
N LEU A 56 14.57 -14.74 -3.69
CA LEU A 56 14.76 -13.41 -4.29
CA LEU A 56 14.80 -13.44 -4.28
C LEU A 56 14.51 -13.44 -5.80
C LEU A 56 14.54 -13.43 -5.78
N ALA A 57 14.96 -14.49 -6.48
CA ALA A 57 14.67 -14.58 -7.91
C ALA A 57 13.18 -14.63 -8.16
N LEU A 58 12.42 -15.27 -7.26
CA LEU A 58 10.98 -15.33 -7.42
C LEU A 58 10.32 -14.01 -7.05
N ASN A 59 10.76 -13.38 -5.97
CA ASN A 59 10.16 -12.14 -5.47
C ASN A 59 11.28 -11.20 -5.05
N PRO A 60 11.68 -10.30 -5.94
CA PRO A 60 12.78 -9.38 -5.61
C PRO A 60 12.45 -8.42 -4.48
N GLN A 61 11.17 -8.26 -4.11
CA GLN A 61 10.82 -7.48 -2.92
C GLN A 61 11.06 -8.23 -1.62
N HIS A 62 11.49 -9.49 -1.70
CA HIS A 62 11.83 -10.33 -0.53
C HIS A 62 10.78 -10.20 0.58
N SER A 63 9.52 -10.47 0.21
CA SER A 63 8.40 -10.26 1.12
C SER A 63 7.47 -11.47 1.10
N VAL A 64 6.81 -11.73 2.22
CA VAL A 64 5.67 -12.65 2.25
C VAL A 64 4.47 -11.86 2.74
N PRO A 65 3.25 -12.21 2.30
CA PRO A 65 2.94 -13.40 1.48
C PRO A 65 3.32 -13.24 0.01
N THR A 66 3.80 -14.32 -0.58
CA THR A 66 3.94 -14.45 -2.03
C THR A 66 3.11 -15.66 -2.48
N LEU A 67 2.31 -15.49 -3.52
CA LEU A 67 1.49 -16.57 -4.05
C LEU A 67 2.01 -16.96 -5.43
N VAL A 68 2.15 -18.25 -5.67
CA VAL A 68 2.42 -18.77 -7.01
C VAL A 68 1.23 -19.66 -7.35
N HIS A 69 0.45 -19.24 -8.37
CA HIS A 69 -0.73 -19.98 -8.82
C HIS A 69 -0.60 -20.17 -10.34
N GLY A 70 -0.19 -21.38 -10.73
CA GLY A 70 0.24 -21.56 -12.12
C GLY A 70 1.43 -20.67 -12.43
N ASP A 71 1.31 -19.86 -13.48
CA ASP A 71 2.37 -18.94 -13.86
C ASP A 71 2.21 -17.57 -13.22
N LEU A 72 1.14 -17.35 -12.46
CA LEU A 72 0.91 -16.06 -11.84
C LEU A 72 1.67 -15.99 -10.50
N VAL A 73 2.49 -14.96 -10.34
CA VAL A 73 3.24 -14.74 -9.11
C VAL A 73 2.82 -13.39 -8.52
N LEU A 74 2.24 -13.43 -7.32
CA LEU A 74 1.67 -12.25 -6.66
C LEU A 74 2.51 -12.00 -5.41
N THR A 75 2.92 -10.74 -5.23
CA THR A 75 3.91 -10.41 -4.20
C THR A 75 3.38 -9.35 -3.22
N ASP A 76 2.07 -9.22 -3.14
CA ASP A 76 1.44 -8.30 -2.20
C ASP A 76 0.15 -8.95 -1.69
N SER A 77 -0.06 -8.90 -0.38
CA SER A 77 -1.23 -9.57 0.20
C SER A 77 -2.54 -9.11 -0.44
N HIS A 78 -2.62 -7.83 -0.81
CA HIS A 78 -3.91 -7.32 -1.27
C HIS A 78 -4.25 -7.84 -2.65
N ALA A 79 -3.24 -8.04 -3.50
CA ALA A 79 -3.46 -8.71 -4.78
C ALA A 79 -3.84 -10.18 -4.56
N ILE A 80 -3.21 -10.81 -3.58
CA ILE A 80 -3.51 -12.22 -3.29
C ILE A 80 -4.95 -12.37 -2.83
N LEU A 81 -5.41 -11.47 -1.95
CA LEU A 81 -6.78 -11.53 -1.45
C LEU A 81 -7.78 -11.37 -2.59
N ILE A 82 -7.56 -10.37 -3.45
CA ILE A 82 -8.45 -10.13 -4.58
C ILE A 82 -8.40 -11.31 -5.55
N HIS A 83 -7.21 -11.80 -5.88
CA HIS A 83 -7.10 -12.94 -6.79
C HIS A 83 -7.86 -14.14 -6.25
N LEU A 84 -7.65 -14.46 -4.96
CA LEU A 84 -8.30 -15.64 -4.41
C LEU A 84 -9.80 -15.45 -4.34
N ALA A 85 -10.26 -14.23 -4.04
CA ALA A 85 -11.68 -13.98 -4.02
C ALA A 85 -12.30 -14.15 -5.40
N GLU A 86 -11.61 -13.64 -6.44
CA GLU A 86 -12.16 -13.75 -7.78
C GLU A 86 -12.23 -15.20 -8.23
N LYS A 87 -11.23 -16.01 -7.85
CA LYS A 87 -11.14 -17.40 -8.29
C LYS A 87 -11.95 -18.36 -7.41
N PHE A 88 -12.14 -18.06 -6.12
CA PHE A 88 -12.78 -19.01 -5.21
C PHE A 88 -14.01 -18.47 -4.50
N ASP A 89 -14.32 -17.18 -4.65
CA ASP A 89 -15.56 -16.59 -4.21
C ASP A 89 -16.20 -15.84 -5.37
N GLU A 90 -16.10 -16.42 -6.55
CA GLU A 90 -16.73 -15.84 -7.74
C GLU A 90 -18.18 -15.47 -7.44
N GLY A 91 -18.56 -14.24 -7.78
CA GLY A 91 -19.91 -13.77 -7.55
C GLY A 91 -20.28 -13.46 -6.11
N GLY A 92 -19.37 -13.69 -5.16
CA GLY A 92 -19.66 -13.52 -3.76
C GLY A 92 -19.56 -12.08 -3.31
N SER A 93 -19.70 -11.89 -2.00
CA SER A 93 -19.80 -10.57 -1.42
C SER A 93 -18.51 -10.10 -0.75
N LEU A 94 -17.48 -10.95 -0.68
CA LEU A 94 -16.23 -10.51 -0.05
C LEU A 94 -15.54 -9.45 -0.89
N TRP A 95 -15.71 -9.56 -2.21
CA TRP A 95 -15.13 -8.66 -3.20
C TRP A 95 -16.34 -8.32 -4.07
N PRO A 96 -17.13 -7.32 -3.66
CA PRO A 96 -18.52 -7.21 -4.10
C PRO A 96 -18.68 -7.05 -5.60
N GLN A 97 -19.85 -7.44 -6.09
CA GLN A 97 -20.12 -7.38 -7.52
C GLN A 97 -20.39 -5.95 -8.00
N GLU A 98 -21.11 -5.17 -7.19
CA GLU A 98 -21.45 -3.82 -7.62
C GLU A 98 -20.21 -2.92 -7.59
N HIS A 99 -20.04 -2.10 -8.64
CA HIS A 99 -18.79 -1.37 -8.81
C HIS A 99 -18.46 -0.51 -7.61
N ALA A 100 -19.42 0.29 -7.14
CA ALA A 100 -19.11 1.23 -6.06
C ALA A 100 -18.75 0.49 -4.77
N GLU A 101 -19.48 -0.58 -4.45
CA GLU A 101 -19.13 -1.37 -3.27
C GLU A 101 -17.74 -1.96 -3.40
N ARG A 102 -17.38 -2.41 -4.59
CA ARG A 102 -16.06 -2.99 -4.78
C ARG A 102 -14.97 -1.95 -4.63
N MET A 103 -15.19 -0.75 -5.19
CA MET A 103 -14.20 0.33 -5.01
C MET A 103 -14.03 0.68 -3.55
N LYS A 104 -15.11 0.64 -2.75
CA LYS A 104 -14.98 0.92 -1.33
C LYS A 104 -14.08 -0.11 -0.64
N VAL A 105 -14.24 -1.39 -1.00
CA VAL A 105 -13.35 -2.41 -0.45
C VAL A 105 -11.92 -2.17 -0.90
N LEU A 106 -11.72 -1.91 -2.18
CA LEU A 106 -10.40 -1.63 -2.70
C LEU A 106 -9.78 -0.44 -1.96
N ASN A 107 -10.58 0.61 -1.75
CA ASN A 107 -10.09 1.81 -1.06
C ASN A 107 -9.55 1.47 0.33
N LEU A 108 -10.25 0.62 1.06
N LEU A 108 -10.24 0.61 1.06
CA LEU A 108 -9.81 0.25 2.40
CA LEU A 108 -9.79 0.26 2.40
C LEU A 108 -8.62 -0.69 2.37
C LEU A 108 -8.63 -0.71 2.38
N LEU A 109 -8.56 -1.58 1.37
CA LEU A 109 -7.35 -2.41 1.21
C LEU A 109 -6.12 -1.52 1.08
N LEU A 110 -6.26 -0.43 0.33
CA LEU A 110 -5.13 0.46 0.10
C LEU A 110 -4.82 1.27 1.35
N PHE A 111 -5.84 1.68 2.12
CA PHE A 111 -5.60 2.23 3.45
C PHE A 111 -4.76 1.28 4.31
N GLU A 112 -5.11 0.00 4.31
CA GLU A 112 -4.33 -0.94 5.08
C GLU A 112 -2.88 -0.97 4.60
N CYS A 113 -2.68 -1.00 3.28
CA CYS A 113 -1.34 -1.06 2.74
C CYS A 113 -0.54 0.20 3.06
N SER A 114 -1.13 1.35 2.80
CA SER A 114 -0.39 2.61 2.70
C SER A 114 -0.28 3.31 4.05
N PHE A 115 -1.15 2.96 4.99
CA PHE A 115 -1.29 3.71 6.24
C PHE A 115 -1.16 2.79 7.45
N LEU A 116 -2.09 1.85 7.61
CA LEU A 116 -2.08 1.07 8.84
C LEU A 116 -0.85 0.16 8.87
N PHE A 117 -0.66 -0.65 7.83
CA PHE A 117 0.49 -1.55 7.86
C PHE A 117 1.80 -0.77 7.74
N ARG A 118 1.81 0.30 6.95
CA ARG A 118 3.04 1.08 6.85
C ARG A 118 3.49 1.49 8.24
N ARG A 119 2.56 2.00 9.05
CA ARG A 119 2.92 2.49 10.38
C ARG A 119 3.22 1.34 11.35
N ASP A 120 2.46 0.24 11.27
CA ASP A 120 2.79 -0.88 12.15
C ASP A 120 4.17 -1.41 11.84
N SER A 121 4.52 -1.55 10.57
N SER A 121 4.50 -1.57 10.55
CA SER A 121 5.82 -2.12 10.23
CA SER A 121 5.81 -2.09 10.17
C SER A 121 6.95 -1.13 10.51
C SER A 121 6.91 -1.13 10.60
N ASP A 122 6.68 0.18 10.48
CA ASP A 122 7.70 1.15 10.91
C ASP A 122 8.04 0.91 12.37
N PHE A 123 7.01 0.72 13.20
CA PHE A 123 7.22 0.53 14.63
C PHE A 123 7.92 -0.78 14.91
N MET A 124 7.43 -1.88 14.32
CA MET A 124 7.99 -3.19 14.60
C MET A 124 9.44 -3.28 14.12
N SER A 125 9.72 -2.73 12.93
N SER A 125 9.71 -2.76 12.91
CA SER A 125 11.10 -2.77 12.44
CA SER A 125 11.07 -2.72 12.40
C SER A 125 12.03 -1.92 13.29
C SER A 125 11.99 -1.96 13.35
N ALA A 126 11.54 -0.79 13.82
CA ALA A 126 12.35 -0.01 14.76
C ALA A 126 12.73 -0.84 15.97
N ILE A 127 11.76 -1.57 16.54
CA ILE A 127 12.05 -2.42 17.70
C ILE A 127 13.10 -3.46 17.33
N VAL A 128 12.97 -4.11 16.17
CA VAL A 128 13.93 -5.15 15.78
C VAL A 128 15.31 -4.55 15.57
N ARG A 129 15.38 -3.42 14.89
CA ARG A 129 16.71 -2.86 14.59
C ARG A 129 17.35 -2.19 15.79
N GLN A 130 16.55 -1.57 16.66
CA GLN A 130 17.10 -0.72 17.71
C GLN A 130 16.97 -1.31 19.11
N GLY A 131 16.11 -2.30 19.30
CA GLY A 131 15.74 -2.74 20.64
C GLY A 131 14.69 -1.81 21.21
N PHE A 132 13.71 -2.37 21.94
CA PHE A 132 12.57 -1.57 22.38
C PHE A 132 13.02 -0.33 23.16
N ALA A 133 14.01 -0.47 24.05
CA ALA A 133 14.43 0.64 24.91
C ALA A 133 14.93 1.85 24.10
N ASN A 134 15.41 1.63 22.88
CA ASN A 134 15.95 2.70 22.07
C ASN A 134 14.98 3.21 21.02
N VAL A 135 13.72 2.78 21.06
CA VAL A 135 12.70 3.25 20.13
C VAL A 135 11.98 4.45 20.75
N ASP A 136 11.63 5.41 19.90
CA ASP A 136 10.77 6.52 20.31
C ASP A 136 9.33 6.01 20.31
N VAL A 137 8.94 5.37 21.42
CA VAL A 137 7.64 4.72 21.44
C VAL A 137 6.52 5.74 21.34
N ALA A 138 6.69 6.91 21.96
CA ALA A 138 5.66 7.95 21.89
C ALA A 138 5.38 8.36 20.46
N HIS A 139 6.42 8.45 19.64
CA HIS A 139 6.23 8.82 18.25
C HIS A 139 5.31 7.82 17.56
N HIS A 140 5.60 6.54 17.76
CA HIS A 140 4.82 5.48 17.12
C HIS A 140 3.44 5.35 17.76
N GLU A 141 3.32 5.60 19.06
CA GLU A 141 1.99 5.62 19.64
C GLU A 141 1.13 6.68 18.96
N ARG A 142 1.72 7.85 18.66
CA ARG A 142 0.94 8.88 17.97
C ARG A 142 0.55 8.42 16.58
N LYS A 143 1.51 7.83 15.85
CA LYS A 143 1.22 7.43 14.48
C LYS A 143 0.16 6.35 14.45
N LEU A 144 0.20 5.41 15.39
CA LEU A 144 -0.72 4.29 15.32
C LEU A 144 -2.08 4.64 15.91
N THR A 145 -2.11 5.49 16.95
CA THR A 145 -3.39 6.02 17.43
C THR A 145 -4.10 6.78 16.31
N GLU A 146 -3.35 7.50 15.48
N GLU A 146 -3.35 7.51 15.48
CA GLU A 146 -3.97 8.17 14.34
CA GLU A 146 -3.97 8.16 14.33
C GLU A 146 -4.64 7.19 13.40
C GLU A 146 -4.67 7.16 13.44
N ALA A 147 -4.09 5.97 13.25
CA ALA A 147 -4.77 4.95 12.46
C ALA A 147 -6.02 4.46 13.15
N TYR A 148 -5.96 4.27 14.48
CA TYR A 148 -7.16 3.93 15.24
C TYR A 148 -8.28 4.95 14.99
N ILE A 149 -7.92 6.23 15.04
CA ILE A 149 -8.93 7.29 14.88
C ILE A 149 -9.61 7.17 13.52
N ILE A 150 -8.84 6.89 12.49
CA ILE A 150 -9.39 6.78 11.14
C ILE A 150 -10.32 5.58 11.03
N MET A 151 -9.90 4.42 11.55
CA MET A 151 -10.78 3.24 11.53
C MET A 151 -12.05 3.49 12.33
N GLU A 152 -11.94 4.18 13.45
CA GLU A 152 -13.12 4.52 14.23
C GLU A 152 -14.07 5.39 13.41
N ARG A 153 -13.54 6.37 12.66
N ARG A 153 -13.54 6.38 12.67
CA ARG A 153 -14.37 7.16 11.76
CA ARG A 153 -14.37 7.16 11.76
C ARG A 153 -15.06 6.30 10.71
C ARG A 153 -15.08 6.26 10.75
N TYR A 154 -14.34 5.34 10.13
CA TYR A 154 -14.97 4.46 9.16
C TYR A 154 -16.10 3.66 9.79
N LEU A 155 -15.91 3.18 11.01
CA LEU A 155 -16.92 2.33 11.63
C LEU A 155 -18.07 3.11 12.25
N GLU A 156 -17.93 4.43 12.38
CA GLU A 156 -19.07 5.23 12.84
C GLU A 156 -20.17 5.28 11.80
N ASN A 157 -19.80 5.10 10.53
CA ASN A 157 -20.73 5.18 9.41
C ASN A 157 -21.06 3.83 8.81
N SER A 158 -20.54 2.73 9.37
CA SER A 158 -20.63 1.44 8.72
C SER A 158 -20.38 0.34 9.75
N ASP A 159 -21.10 -0.76 9.61
CA ASP A 159 -20.96 -1.86 10.55
C ASP A 159 -19.61 -2.56 10.41
N PHE A 160 -19.25 -2.91 9.18
CA PHE A 160 -17.91 -3.41 8.85
C PHE A 160 -17.11 -2.32 8.15
N MET A 161 -15.85 -2.61 7.83
CA MET A 161 -14.95 -1.53 7.40
C MET A 161 -15.44 -0.88 6.13
N ALA A 162 -15.96 -1.67 5.19
CA ALA A 162 -16.28 -1.15 3.86
C ALA A 162 -17.77 -1.13 3.57
N GLY A 163 -18.61 -1.32 4.58
CA GLY A 163 -20.04 -1.35 4.35
C GLY A 163 -20.73 -2.24 5.35
N PRO A 164 -21.91 -2.75 4.99
CA PRO A 164 -22.73 -3.48 5.97
C PRO A 164 -22.33 -4.93 6.20
N GLN A 165 -21.46 -5.52 5.39
CA GLN A 165 -21.09 -6.92 5.59
C GLN A 165 -19.58 -7.11 5.47
N LEU A 166 -19.16 -8.29 5.93
CA LEU A 166 -17.77 -8.71 5.86
C LEU A 166 -17.25 -8.65 4.43
N THR A 167 -16.09 -8.02 4.24
CA THR A 167 -15.41 -8.02 2.95
C THR A 167 -13.93 -8.30 3.14
N LEU A 168 -13.20 -8.37 2.02
CA LEU A 168 -11.75 -8.49 2.07
C LEU A 168 -11.13 -7.38 2.90
N ALA A 169 -11.76 -6.21 2.95
CA ALA A 169 -11.18 -5.12 3.74
C ALA A 169 -11.07 -5.51 5.20
N ASP A 170 -12.08 -6.21 5.73
CA ASP A 170 -12.01 -6.61 7.13
C ASP A 170 -10.91 -7.62 7.37
N LEU A 171 -10.75 -8.57 6.46
CA LEU A 171 -9.71 -9.59 6.60
C LEU A 171 -8.33 -8.96 6.59
N SER A 172 -8.12 -7.97 5.73
CA SER A 172 -6.82 -7.34 5.60
C SER A 172 -6.52 -6.52 6.86
N ILE A 173 -7.53 -5.77 7.32
CA ILE A 173 -7.32 -4.81 8.40
C ILE A 173 -7.23 -5.51 9.76
N VAL A 174 -8.02 -6.57 9.98
CA VAL A 174 -8.11 -7.11 11.35
C VAL A 174 -6.78 -7.72 11.79
N THR A 175 -6.01 -8.30 10.87
CA THR A 175 -4.79 -8.94 11.32
C THR A 175 -3.79 -7.89 11.79
N THR A 176 -3.62 -6.82 11.02
CA THR A 176 -2.70 -5.78 11.45
C THR A 176 -3.22 -5.09 12.70
N LEU A 177 -4.54 -4.84 12.76
CA LEU A 177 -5.10 -4.24 13.97
C LEU A 177 -4.79 -5.10 15.20
N SER A 178 -4.96 -6.42 15.09
CA SER A 178 -4.69 -7.25 16.27
C SER A 178 -3.23 -7.16 16.67
N THR A 179 -2.36 -6.91 15.70
CA THR A 179 -0.94 -6.78 15.97
C THR A 179 -0.61 -5.45 16.62
N VAL A 180 -1.17 -4.36 16.10
CA VAL A 180 -0.96 -3.05 16.72
C VAL A 180 -1.45 -3.08 18.16
N ASN A 181 -2.56 -3.77 18.38
CA ASN A 181 -3.22 -3.81 19.68
C ASN A 181 -2.49 -4.73 20.66
N LEU A 182 -1.47 -5.46 20.23
CA LEU A 182 -0.59 -6.06 21.23
C LEU A 182 0.01 -4.99 22.11
N MET A 183 0.26 -3.82 21.55
N MET A 183 0.27 -3.82 21.55
CA MET A 183 0.97 -2.74 22.24
CA MET A 183 0.96 -2.75 22.26
C MET A 183 0.06 -1.61 22.69
C MET A 183 0.02 -1.65 22.71
N PHE A 184 -0.89 -1.19 21.84
CA PHE A 184 -1.68 0.01 22.12
C PHE A 184 -3.14 -0.33 22.37
N PRO A 185 -3.68 0.06 23.52
CA PRO A 185 -5.03 -0.35 23.90
C PRO A 185 -6.10 0.37 23.08
N LEU A 186 -7.26 -0.28 23.02
CA LEU A 186 -8.40 0.22 22.26
C LEU A 186 -9.51 0.81 23.15
N SER A 187 -9.17 1.13 24.40
N SER A 187 -9.19 1.15 24.40
CA SER A 187 -10.16 1.61 25.37
CA SER A 187 -10.24 1.55 25.34
C SER A 187 -10.98 2.78 24.85
C SER A 187 -10.99 2.80 24.87
N GLN A 188 -10.34 3.69 24.12
CA GLN A 188 -10.98 4.94 23.68
C GLN A 188 -11.73 4.80 22.36
N PHE A 189 -11.88 3.58 21.85
CA PHE A 189 -12.34 3.34 20.48
C PHE A 189 -13.47 2.33 20.47
N PRO A 190 -14.67 2.76 20.88
CA PRO A 190 -15.73 1.77 21.09
C PRO A 190 -16.19 1.09 19.80
N ARG A 191 -16.27 1.80 18.67
CA ARG A 191 -16.68 1.11 17.44
C ARG A 191 -15.64 0.10 17.02
N LEU A 192 -14.36 0.48 17.13
CA LEU A 192 -13.29 -0.45 16.77
C LEU A 192 -13.31 -1.68 17.66
N ARG A 193 -13.54 -1.47 18.98
CA ARG A 193 -13.64 -2.62 19.87
C ARG A 193 -14.80 -3.54 19.51
N ARG A 194 -15.97 -2.95 19.21
CA ARG A 194 -17.12 -3.76 18.84
C ARG A 194 -16.84 -4.57 17.58
N TRP A 195 -16.21 -3.93 16.59
CA TRP A 195 -15.93 -4.61 15.34
C TRP A 195 -14.87 -5.69 15.53
N PHE A 196 -13.83 -5.38 16.31
CA PHE A 196 -12.77 -6.36 16.56
C PHE A 196 -13.34 -7.57 17.31
N THR A 197 -14.17 -7.32 18.33
CA THR A 197 -14.87 -8.40 19.01
C THR A 197 -15.67 -9.26 18.03
N ALA A 198 -16.38 -8.61 17.10
CA ALA A 198 -17.16 -9.39 16.15
C ALA A 198 -16.27 -10.22 15.25
N MET A 199 -15.15 -9.64 14.78
CA MET A 199 -14.24 -10.41 13.95
C MET A 199 -13.70 -11.61 14.70
N GLN A 200 -13.44 -11.44 16.01
CA GLN A 200 -12.90 -12.52 16.82
C GLN A 200 -13.86 -13.68 16.96
N GLN A 201 -15.16 -13.47 16.73
CA GLN A 201 -16.14 -14.55 16.78
C GLN A 201 -16.19 -15.36 15.50
N LEU A 202 -15.64 -14.83 14.41
CA LEU A 202 -15.66 -15.57 13.14
C LEU A 202 -14.78 -16.79 13.22
N ASP A 203 -15.29 -17.92 12.71
CA ASP A 203 -14.45 -19.10 12.68
C ASP A 203 -13.15 -18.84 11.93
N ALA A 204 -13.18 -18.01 10.89
CA ALA A 204 -11.94 -17.79 10.13
C ALA A 204 -10.86 -17.09 10.97
N TYR A 205 -11.26 -16.35 12.00
CA TYR A 205 -10.30 -15.65 12.84
C TYR A 205 -9.37 -16.62 13.55
N GLU A 206 -9.76 -17.89 13.68
CA GLU A 206 -8.84 -18.84 14.28
C GLU A 206 -7.50 -18.86 13.54
N ALA A 207 -7.50 -18.52 12.24
CA ALA A 207 -6.27 -18.48 11.48
C ALA A 207 -5.34 -17.32 11.84
N ASN A 208 -5.83 -16.32 12.58
CA ASN A 208 -4.99 -15.22 13.02
C ASN A 208 -4.26 -15.52 14.31
N CYS A 209 -4.83 -16.42 15.14
CA CYS A 209 -4.41 -16.52 16.54
C CYS A 209 -2.97 -17.02 16.67
N SER A 210 -2.61 -18.06 15.94
CA SER A 210 -1.32 -18.68 16.23
C SER A 210 -0.15 -17.79 15.84
N GLY A 211 -0.25 -17.12 14.68
CA GLY A 211 0.84 -16.25 14.24
C GLY A 211 0.91 -14.96 15.04
N LEU A 212 -0.23 -14.46 15.49
CA LEU A 212 -0.21 -13.33 16.41
C LEU A 212 0.61 -13.67 17.66
N GLU A 213 0.39 -14.86 18.21
CA GLU A 213 1.09 -15.24 19.44
C GLU A 213 2.56 -15.49 19.15
N LYS A 214 2.88 -16.14 18.03
CA LYS A 214 4.27 -16.33 17.66
C LYS A 214 4.95 -14.98 17.43
N LEU A 215 4.25 -14.02 16.83
CA LEU A 215 4.85 -12.70 16.66
C LEU A 215 5.12 -12.05 18.01
N ARG A 216 4.16 -12.16 18.93
CA ARG A 216 4.37 -11.64 20.27
C ARG A 216 5.65 -12.21 20.89
N GLN A 217 5.79 -13.54 20.86
CA GLN A 217 6.95 -14.20 21.45
C GLN A 217 8.24 -13.74 20.78
N THR A 218 8.25 -13.71 19.45
CA THR A 218 9.47 -13.34 18.73
C THR A 218 9.87 -11.90 19.04
N MET A 219 8.91 -10.97 18.97
CA MET A 219 9.21 -9.57 19.21
C MET A 219 9.74 -9.32 20.62
N GLU A 220 9.12 -9.95 21.63
CA GLU A 220 9.56 -9.72 23.00
C GLU A 220 11.01 -10.18 23.16
N SER A 221 11.35 -11.31 22.54
CA SER A 221 12.72 -11.84 22.64
C SER A 221 13.69 -10.95 21.86
N VAL A 222 13.40 -10.69 20.58
CA VAL A 222 14.35 -9.95 19.76
C VAL A 222 14.45 -8.49 20.22
N GLY A 223 13.34 -7.92 20.70
CA GLY A 223 13.31 -6.54 21.15
C GLY A 223 13.63 -6.32 22.62
N SER A 224 13.70 -7.40 23.41
CA SER A 224 14.03 -7.32 24.83
C SER A 224 13.04 -6.43 25.58
N PHE A 225 11.77 -6.82 25.52
CA PHE A 225 10.72 -6.08 26.23
C PHE A 225 9.51 -7.01 26.40
N GLN A 226 8.47 -6.47 27.00
CA GLN A 226 7.18 -7.17 27.12
C GLN A 226 6.09 -6.23 26.65
N PHE A 227 5.19 -6.73 25.80
CA PHE A 227 3.97 -6.00 25.54
C PHE A 227 3.17 -5.90 26.83
N PRO A 228 2.44 -4.80 27.04
CA PRO A 228 1.54 -4.73 28.20
C PRO A 228 0.39 -5.71 28.01
N SER A 229 0.29 -6.69 28.92
CA SER A 229 -0.70 -7.74 28.74
C SER A 229 -2.12 -7.18 28.71
N SER A 230 -2.35 -6.04 29.33
CA SER A 230 -3.69 -5.48 29.41
C SER A 230 -4.19 -4.88 28.09
N SER A 231 -3.34 -4.67 27.08
CA SER A 231 -3.80 -3.93 25.90
C SER A 231 -4.61 -4.82 24.96
N ALA A 232 -4.16 -6.04 24.70
CA ALA A 232 -4.82 -6.88 23.70
C ALA A 232 -6.27 -7.13 24.06
N VAL A 233 -7.18 -6.86 23.12
CA VAL A 233 -8.57 -7.27 23.21
C VAL A 233 -8.65 -8.78 23.08
N VAL A 234 -9.12 -9.45 24.12
CA VAL A 234 -9.27 -10.91 24.12
C VAL A 234 -10.74 -11.24 24.38
N THR A 235 -11.27 -12.20 23.61
CA THR A 235 -12.63 -12.69 23.85
C THR A 235 -12.68 -14.20 23.71
N PRO B 11 -23.03 13.31 -12.96
CA PRO B 11 -22.24 13.59 -11.76
C PRO B 11 -20.72 13.58 -12.05
N LYS B 12 -20.17 14.73 -12.39
CA LYS B 12 -18.77 14.80 -12.82
C LYS B 12 -17.84 14.55 -11.64
N PRO B 13 -16.78 13.75 -11.81
CA PRO B 13 -15.86 13.52 -10.70
C PRO B 13 -15.15 14.79 -10.27
N ILE B 14 -14.89 14.87 -8.97
CA ILE B 14 -14.13 15.94 -8.35
C ILE B 14 -12.81 15.36 -7.87
N LEU B 15 -11.70 15.98 -8.22
CA LEU B 15 -10.39 15.50 -7.81
C LEU B 15 -9.74 16.56 -6.94
N TYR B 16 -9.61 16.27 -5.63
CA TYR B 16 -8.79 17.10 -4.74
C TYR B 16 -7.32 16.77 -4.96
N TYR B 17 -6.49 17.80 -5.19
CA TYR B 17 -5.17 17.50 -5.74
C TYR B 17 -4.14 18.53 -5.28
N ASP B 18 -2.88 18.11 -5.33
CA ASP B 18 -1.73 19.00 -5.27
C ASP B 18 -0.72 18.39 -6.24
N GLU B 19 -0.45 19.07 -7.36
CA GLU B 19 0.31 18.40 -8.43
C GLU B 19 1.74 18.09 -8.04
N ARG B 20 2.21 18.58 -6.89
CA ARG B 20 3.55 18.20 -6.45
C ARG B 20 3.62 16.73 -6.04
N SER B 21 2.50 16.16 -5.61
CA SER B 21 2.50 14.74 -5.21
C SER B 21 2.53 13.82 -6.45
N PRO B 22 3.42 12.82 -6.48
CA PRO B 22 3.50 11.96 -7.68
C PRO B 22 2.21 11.17 -7.90
N PRO B 23 1.59 10.63 -6.85
CA PRO B 23 0.33 9.90 -7.11
C PRO B 23 -0.78 10.79 -7.64
N VAL B 24 -0.79 12.07 -7.25
CA VAL B 24 -1.69 13.01 -7.91
C VAL B 24 -1.37 13.06 -9.40
N ARG B 25 -0.08 13.21 -9.73
CA ARG B 25 0.29 13.30 -11.13
C ARG B 25 -0.09 12.03 -11.90
N SER B 26 -0.06 10.85 -11.27
CA SER B 26 -0.52 9.65 -11.96
C SER B 26 -1.98 9.78 -12.37
N CYS B 27 -2.83 10.31 -11.48
CA CYS B 27 -4.23 10.53 -11.83
C CYS B 27 -4.37 11.57 -12.94
N LEU B 28 -3.62 12.66 -12.84
CA LEU B 28 -3.69 13.69 -13.87
C LEU B 28 -3.33 13.10 -15.24
N MET B 29 -2.35 12.20 -15.27
CA MET B 29 -1.95 11.58 -16.52
C MET B 29 -3.07 10.70 -17.09
N LEU B 30 -3.74 9.92 -16.23
CA LEU B 30 -4.84 9.10 -16.71
C LEU B 30 -5.99 9.97 -17.23
N ILE B 31 -6.29 11.04 -16.52
CA ILE B 31 -7.35 11.94 -16.90
C ILE B 31 -7.07 12.53 -18.28
N LYS B 32 -5.82 12.91 -18.53
CA LYS B 32 -5.46 13.42 -19.84
C LYS B 32 -5.52 12.32 -20.89
N LEU B 33 -4.98 11.15 -20.56
CA LEU B 33 -4.98 10.03 -21.51
C LEU B 33 -6.40 9.68 -21.94
N LEU B 34 -7.38 9.75 -21.02
CA LEU B 34 -8.72 9.28 -21.32
C LEU B 34 -9.71 10.41 -21.58
N ASP B 35 -9.22 11.66 -21.65
CA ASP B 35 -10.07 12.84 -21.89
C ASP B 35 -11.22 12.92 -20.87
N ILE B 36 -10.93 12.61 -19.61
CA ILE B 36 -11.99 12.61 -18.60
C ILE B 36 -12.26 14.04 -18.17
N ASP B 37 -13.53 14.42 -18.14
CA ASP B 37 -13.94 15.72 -17.64
C ASP B 37 -14.08 15.66 -16.12
N VAL B 38 -13.19 16.35 -15.42
CA VAL B 38 -13.09 16.29 -13.96
C VAL B 38 -13.03 17.72 -13.45
N GLU B 39 -13.63 17.96 -12.28
CA GLU B 39 -13.45 19.23 -11.59
C GLU B 39 -12.27 19.14 -10.62
N LEU B 40 -11.24 19.97 -10.85
CA LEU B 40 -10.08 20.00 -9.97
C LEU B 40 -10.29 20.95 -8.81
N ARG B 41 -9.90 20.50 -7.62
CA ARG B 41 -9.88 21.35 -6.43
C ARG B 41 -8.52 21.26 -5.76
N PHE B 42 -7.82 22.40 -5.71
CA PHE B 42 -6.46 22.43 -5.17
C PHE B 42 -6.46 22.40 -3.64
N VAL B 43 -5.65 21.52 -3.08
CA VAL B 43 -5.42 21.40 -1.66
C VAL B 43 -3.93 21.53 -1.44
N ASN B 44 -3.51 22.57 -0.72
CA ASN B 44 -2.09 22.88 -0.61
C ASN B 44 -1.47 22.08 0.53
N LEU B 45 -0.73 21.02 0.17
CA LEU B 45 -0.22 20.08 1.18
C LEU B 45 0.88 20.71 2.02
N PHE B 46 1.63 21.66 1.46
CA PHE B 46 2.71 22.30 2.19
C PHE B 46 2.21 23.42 3.09
N LYS B 47 0.94 23.78 3.01
CA LYS B 47 0.33 24.67 3.98
C LYS B 47 -0.62 23.93 4.91
N GLY B 48 -0.71 22.61 4.79
CA GLY B 48 -1.55 21.83 5.66
C GLY B 48 -3.03 21.96 5.41
N GLU B 49 -3.45 22.38 4.21
CA GLU B 49 -4.87 22.47 3.93
C GLU B 49 -5.55 21.12 4.00
N GLN B 50 -4.78 20.03 3.93
CA GLN B 50 -5.35 18.69 4.05
C GLN B 50 -5.86 18.41 5.46
N PHE B 51 -5.54 19.25 6.43
CA PHE B 51 -6.06 19.13 7.79
C PHE B 51 -7.23 20.07 8.07
N GLN B 52 -7.70 20.83 7.09
CA GLN B 52 -8.88 21.66 7.33
C GLN B 52 -10.08 20.76 7.65
N LYS B 53 -10.92 21.22 8.58
CA LYS B 53 -11.95 20.35 9.15
C LYS B 53 -12.79 19.68 8.08
N ASP B 54 -13.17 20.40 7.04
CA ASP B 54 -14.07 19.84 6.04
C ASP B 54 -13.38 18.80 5.18
N PHE B 55 -12.14 19.05 4.78
CA PHE B 55 -11.42 18.02 4.02
C PHE B 55 -11.14 16.80 4.89
N LEU B 56 -10.76 17.03 6.16
CA LEU B 56 -10.51 15.93 7.08
C LEU B 56 -11.77 15.11 7.33
N ALA B 57 -12.93 15.77 7.36
CA ALA B 57 -14.17 15.03 7.48
C ALA B 57 -14.42 14.18 6.23
N LEU B 58 -14.00 14.69 5.06
CA LEU B 58 -14.17 13.94 3.82
C LEU B 58 -13.17 12.79 3.76
N ASN B 59 -11.93 13.04 4.18
CA ASN B 59 -10.86 12.05 4.09
C ASN B 59 -10.00 12.11 5.35
N PRO B 60 -10.31 11.25 6.34
CA PRO B 60 -9.51 11.26 7.60
C PRO B 60 -8.03 10.97 7.39
N GLN B 61 -7.64 10.37 6.28
CA GLN B 61 -6.23 10.15 5.98
C GLN B 61 -5.52 11.42 5.53
N HIS B 62 -6.27 12.52 5.36
CA HIS B 62 -5.71 13.82 4.98
C HIS B 62 -4.67 13.68 3.87
N SER B 63 -5.10 13.07 2.77
CA SER B 63 -4.24 12.72 1.66
C SER B 63 -4.85 13.19 0.34
N VAL B 64 -3.97 13.54 -0.61
CA VAL B 64 -4.40 13.68 -2.01
C VAL B 64 -3.55 12.74 -2.86
N PRO B 65 -4.08 12.23 -3.97
CA PRO B 65 -5.39 12.58 -4.52
C PRO B 65 -6.59 12.02 -3.75
N THR B 66 -7.68 12.77 -3.68
CA THR B 66 -8.96 12.26 -3.22
C THR B 66 -9.97 12.51 -4.33
N LEU B 67 -10.73 11.49 -4.69
CA LEU B 67 -11.74 11.62 -5.73
C LEU B 67 -13.12 11.48 -5.12
N VAL B 68 -13.99 12.43 -5.42
CA VAL B 68 -15.41 12.34 -5.07
C VAL B 68 -16.17 12.16 -6.37
N HIS B 69 -16.82 11.02 -6.53
CA HIS B 69 -17.56 10.74 -7.75
C HIS B 69 -18.95 10.29 -7.32
N GLY B 70 -19.88 11.25 -7.31
CA GLY B 70 -21.16 11.00 -6.69
C GLY B 70 -20.95 10.74 -5.22
N ASP B 71 -21.49 9.61 -4.75
CA ASP B 71 -21.36 9.21 -3.36
C ASP B 71 -20.06 8.49 -3.04
N LEU B 72 -19.29 8.14 -4.06
CA LEU B 72 -18.06 7.38 -3.87
C LEU B 72 -16.90 8.33 -3.52
N VAL B 73 -16.22 8.05 -2.43
CA VAL B 73 -15.08 8.88 -1.99
C VAL B 73 -13.85 7.99 -1.97
N LEU B 74 -12.92 8.22 -2.87
CA LEU B 74 -11.72 7.40 -2.98
C LEU B 74 -10.52 8.19 -2.46
N THR B 75 -9.67 7.53 -1.67
CA THR B 75 -8.65 8.23 -0.92
C THR B 75 -7.27 7.63 -1.18
N ASP B 76 -7.10 6.95 -2.31
CA ASP B 76 -5.82 6.39 -2.66
C ASP B 76 -5.67 6.44 -4.18
N SER B 77 -4.51 6.88 -4.67
CA SER B 77 -4.38 7.03 -6.11
C SER B 77 -4.62 5.73 -6.85
N HIS B 78 -4.26 4.60 -6.26
CA HIS B 78 -4.39 3.34 -7.00
C HIS B 78 -5.85 2.93 -7.18
N ALA B 79 -6.69 3.25 -6.18
CA ALA B 79 -8.12 3.03 -6.33
C ALA B 79 -8.69 4.00 -7.36
N ILE B 80 -8.19 5.23 -7.38
CA ILE B 80 -8.69 6.21 -8.32
C ILE B 80 -8.36 5.81 -9.76
N LEU B 81 -7.13 5.36 -9.99
CA LEU B 81 -6.75 4.90 -11.33
C LEU B 81 -7.65 3.76 -11.79
N ILE B 82 -7.87 2.77 -10.92
CA ILE B 82 -8.68 1.63 -11.31
C ILE B 82 -10.12 2.06 -11.55
N HIS B 83 -10.68 2.86 -10.64
CA HIS B 83 -12.04 3.34 -10.79
C HIS B 83 -12.19 4.09 -12.12
N LEU B 84 -11.28 5.01 -12.40
CA LEU B 84 -11.44 5.81 -13.61
C LEU B 84 -11.26 4.95 -14.87
N ALA B 85 -10.33 3.99 -14.83
CA ALA B 85 -10.19 3.09 -15.97
C ALA B 85 -11.46 2.28 -16.17
N GLU B 86 -12.06 1.78 -15.08
CA GLU B 86 -13.24 0.93 -15.21
C GLU B 86 -14.44 1.74 -15.70
N LYS B 87 -14.57 2.99 -15.26
CA LYS B 87 -15.71 3.80 -15.66
C LYS B 87 -15.53 4.45 -17.02
N PHE B 88 -14.31 4.82 -17.39
CA PHE B 88 -14.11 5.63 -18.59
C PHE B 88 -13.30 4.93 -19.66
N ASP B 89 -12.84 3.70 -19.43
CA ASP B 89 -12.02 3.01 -20.42
C ASP B 89 -12.39 1.54 -20.49
N GLU B 90 -13.68 1.24 -20.36
CA GLU B 90 -14.11 -0.15 -20.57
C GLU B 90 -13.64 -0.62 -21.94
N GLY B 91 -12.99 -1.79 -21.97
CA GLY B 91 -12.39 -2.31 -23.18
C GLY B 91 -10.99 -1.84 -23.50
N GLY B 92 -10.36 -1.06 -22.61
CA GLY B 92 -9.04 -0.55 -22.86
C GLY B 92 -7.95 -1.51 -22.41
N SER B 93 -6.72 -1.21 -22.78
CA SER B 93 -5.61 -2.05 -22.37
C SER B 93 -4.99 -1.59 -21.05
N LEU B 94 -5.39 -0.43 -20.54
CA LEU B 94 -4.76 0.11 -19.33
C LEU B 94 -5.05 -0.76 -18.13
N TRP B 95 -6.26 -1.29 -18.05
CA TRP B 95 -6.73 -2.11 -16.94
C TRP B 95 -7.30 -3.37 -17.59
N PRO B 96 -6.45 -4.35 -17.90
CA PRO B 96 -6.84 -5.44 -18.80
C PRO B 96 -8.05 -6.23 -18.31
N GLN B 97 -8.86 -6.70 -19.26
CA GLN B 97 -10.00 -7.54 -18.94
C GLN B 97 -9.55 -8.92 -18.49
N GLU B 98 -8.49 -9.47 -19.09
CA GLU B 98 -8.09 -10.83 -18.78
C GLU B 98 -7.52 -10.91 -17.36
N HIS B 99 -7.96 -11.92 -16.62
CA HIS B 99 -7.71 -11.91 -15.16
C HIS B 99 -6.23 -11.93 -14.83
N ALA B 100 -5.45 -12.83 -15.46
CA ALA B 100 -4.04 -12.90 -15.09
C ALA B 100 -3.32 -11.60 -15.44
N GLU B 101 -3.66 -11.02 -16.58
CA GLU B 101 -3.09 -9.73 -16.95
C GLU B 101 -3.47 -8.64 -15.95
N ARG B 102 -4.74 -8.62 -15.53
N ARG B 102 -4.75 -8.62 -15.54
CA ARG B 102 -5.17 -7.59 -14.60
CA ARG B 102 -5.23 -7.62 -14.59
C ARG B 102 -4.51 -7.77 -13.23
C ARG B 102 -4.53 -7.77 -13.24
N MET B 103 -4.36 -9.02 -12.77
CA MET B 103 -3.66 -9.24 -11.50
C MET B 103 -2.22 -8.77 -11.59
N LYS B 104 -1.58 -8.96 -12.75
CA LYS B 104 -0.21 -8.50 -12.88
C LYS B 104 -0.13 -6.99 -12.73
N VAL B 105 -1.06 -6.25 -13.36
CA VAL B 105 -1.08 -4.79 -13.21
C VAL B 105 -1.32 -4.43 -11.75
N LEU B 106 -2.28 -5.10 -11.13
CA LEU B 106 -2.61 -4.83 -9.72
C LEU B 106 -1.40 -5.07 -8.84
N ASN B 107 -0.67 -6.17 -9.09
CA ASN B 107 0.52 -6.47 -8.32
C ASN B 107 1.57 -5.37 -8.42
N LEU B 108 1.73 -4.78 -9.62
N LEU B 108 1.74 -4.78 -9.61
CA LEU B 108 2.69 -3.69 -9.78
CA LEU B 108 2.71 -3.69 -9.74
C LEU B 108 2.19 -2.40 -9.13
C LEU B 108 2.19 -2.39 -9.15
N LEU B 109 0.88 -2.13 -9.21
CA LEU B 109 0.34 -0.96 -8.53
C LEU B 109 0.63 -1.03 -7.04
N LEU B 110 0.55 -2.23 -6.46
N LEU B 110 0.53 -2.22 -6.45
CA LEU B 110 0.79 -2.37 -5.03
CA LEU B 110 0.80 -2.36 -5.02
C LEU B 110 2.28 -2.28 -4.72
C LEU B 110 2.30 -2.27 -4.72
N PHE B 111 3.15 -2.76 -5.63
CA PHE B 111 4.58 -2.48 -5.51
C PHE B 111 4.84 -0.99 -5.45
N GLU B 112 4.16 -0.23 -6.30
CA GLU B 112 4.34 1.22 -6.26
C GLU B 112 3.91 1.76 -4.91
N CYS B 113 2.74 1.34 -4.44
CA CYS B 113 2.25 1.84 -3.15
C CYS B 113 3.16 1.44 -2.00
N SER B 114 3.51 0.15 -1.93
CA SER B 114 4.10 -0.45 -0.74
C SER B 114 5.62 -0.35 -0.70
N PHE B 115 6.28 -0.11 -1.84
CA PHE B 115 7.72 -0.19 -1.92
C PHE B 115 8.29 1.10 -2.50
N LEU B 116 8.00 1.38 -3.77
CA LEU B 116 8.60 2.56 -4.42
C LEU B 116 8.15 3.85 -3.76
N PHE B 117 6.84 4.05 -3.62
CA PHE B 117 6.37 5.29 -3.00
C PHE B 117 6.65 5.34 -1.50
N ARG B 118 6.53 4.21 -0.81
CA ARG B 118 6.88 4.20 0.61
C ARG B 118 8.28 4.76 0.81
N ARG B 119 9.22 4.28 -0.02
CA ARG B 119 10.62 4.67 0.16
C ARG B 119 10.84 6.10 -0.28
N ASP B 120 10.21 6.53 -1.36
CA ASP B 120 10.34 7.92 -1.76
C ASP B 120 9.71 8.85 -0.72
N SER B 121 8.55 8.45 -0.16
CA SER B 121 7.91 9.28 0.86
C SER B 121 8.77 9.35 2.13
N ASP B 122 9.38 8.22 2.52
CA ASP B 122 10.26 8.21 3.68
C ASP B 122 11.38 9.25 3.51
N PHE B 123 12.00 9.25 2.34
CA PHE B 123 13.10 10.17 2.06
C PHE B 123 12.63 11.61 2.03
N MET B 124 11.57 11.90 1.26
CA MET B 124 11.08 13.28 1.17
C MET B 124 10.56 13.77 2.51
N SER B 125 9.85 12.92 3.25
CA SER B 125 9.41 13.27 4.59
C SER B 125 10.58 13.65 5.48
N ALA B 126 11.66 12.87 5.44
CA ALA B 126 12.83 13.15 6.27
C ALA B 126 13.46 14.49 5.91
N ILE B 127 13.47 14.86 4.63
CA ILE B 127 13.99 16.17 4.25
C ILE B 127 13.14 17.27 4.87
N VAL B 128 11.84 17.28 4.53
CA VAL B 128 10.96 18.35 4.99
C VAL B 128 11.04 18.48 6.50
N ARG B 129 11.15 17.36 7.22
CA ARG B 129 11.20 17.38 8.68
C ARG B 129 12.56 17.81 9.20
N GLN B 130 13.61 17.06 8.84
CA GLN B 130 14.94 17.23 9.43
C GLN B 130 15.82 18.21 8.67
N GLY B 131 15.38 18.69 7.52
CA GLY B 131 16.25 19.48 6.66
C GLY B 131 17.26 18.61 5.96
N PHE B 132 17.54 18.95 4.70
CA PHE B 132 18.36 18.10 3.85
C PHE B 132 19.72 17.84 4.49
N ALA B 133 20.31 18.86 5.11
CA ALA B 133 21.65 18.76 5.65
C ALA B 133 21.79 17.64 6.66
N ASN B 134 20.68 17.23 7.28
CA ASN B 134 20.70 16.29 8.38
C ASN B 134 20.13 14.93 8.00
N VAL B 135 19.71 14.75 6.77
CA VAL B 135 19.18 13.46 6.35
C VAL B 135 20.31 12.50 6.05
N ASP B 136 20.12 11.23 6.40
CA ASP B 136 21.07 10.17 6.08
C ASP B 136 20.87 9.78 4.62
N VAL B 137 21.49 10.56 3.72
CA VAL B 137 21.20 10.41 2.29
C VAL B 137 21.65 9.04 1.79
N ALA B 138 22.77 8.54 2.29
CA ALA B 138 23.28 7.26 1.84
C ALA B 138 22.27 6.15 2.12
N HIS B 139 21.65 6.20 3.31
CA HIS B 139 20.63 5.23 3.68
C HIS B 139 19.47 5.24 2.69
N HIS B 140 18.94 6.44 2.40
CA HIS B 140 17.85 6.54 1.43
C HIS B 140 18.32 6.21 0.02
N GLU B 141 19.56 6.53 -0.33
CA GLU B 141 20.06 6.10 -1.63
C GLU B 141 20.06 4.57 -1.75
N ARG B 142 20.47 3.87 -0.69
CA ARG B 142 20.45 2.41 -0.75
C ARG B 142 19.04 1.91 -0.96
N LYS B 143 18.09 2.42 -0.15
CA LYS B 143 16.70 1.96 -0.23
C LYS B 143 16.08 2.23 -1.59
N LEU B 144 16.31 3.43 -2.14
CA LEU B 144 15.70 3.77 -3.41
C LEU B 144 16.42 3.12 -4.59
N THR B 145 17.73 2.90 -4.49
CA THR B 145 18.40 2.15 -5.55
C THR B 145 17.92 0.70 -5.57
N GLU B 146 17.62 0.14 -4.41
N GLU B 146 17.62 0.13 -4.41
CA GLU B 146 17.02 -1.20 -4.36
CA GLU B 146 17.03 -1.20 -4.42
C GLU B 146 15.74 -1.23 -5.20
C GLU B 146 15.75 -1.22 -5.24
N ALA B 147 14.94 -0.17 -5.15
CA ALA B 147 13.72 -0.13 -5.96
C ALA B 147 14.03 -0.05 -7.44
N TYR B 148 15.03 0.75 -7.82
CA TYR B 148 15.48 0.78 -9.20
C TYR B 148 15.86 -0.62 -9.67
N ILE B 149 16.62 -1.34 -8.86
CA ILE B 149 17.06 -2.68 -9.24
C ILE B 149 15.87 -3.60 -9.50
N ILE B 150 14.84 -3.51 -8.67
CA ILE B 150 13.66 -4.36 -8.85
C ILE B 150 12.95 -4.03 -10.15
N MET B 151 12.79 -2.73 -10.45
CA MET B 151 12.09 -2.34 -11.66
C MET B 151 12.86 -2.74 -12.91
N GLU B 152 14.19 -2.64 -12.84
CA GLU B 152 15.02 -3.12 -13.95
C GLU B 152 14.75 -4.59 -14.23
N ARG B 153 14.55 -5.40 -13.19
CA ARG B 153 14.22 -6.80 -13.39
C ARG B 153 12.80 -6.98 -13.93
N TYR B 154 11.84 -6.18 -13.42
CA TYR B 154 10.48 -6.26 -13.95
C TYR B 154 10.46 -6.04 -15.46
N LEU B 155 11.40 -5.27 -15.98
CA LEU B 155 11.40 -4.89 -17.38
C LEU B 155 12.15 -5.87 -18.26
N GLU B 156 12.68 -6.95 -17.69
CA GLU B 156 13.56 -7.84 -18.46
C GLU B 156 12.89 -8.29 -19.74
N ASN B 157 11.68 -8.84 -19.65
CA ASN B 157 11.06 -9.37 -20.87
C ASN B 157 9.72 -8.68 -21.16
N SER B 158 9.69 -7.35 -21.06
CA SER B 158 8.50 -6.61 -21.44
C SER B 158 8.88 -5.15 -21.66
N ASP B 159 8.22 -4.51 -22.63
CA ASP B 159 8.46 -3.10 -22.91
C ASP B 159 7.93 -2.20 -21.80
N PHE B 160 6.92 -2.66 -21.06
CA PHE B 160 6.32 -1.87 -20.00
C PHE B 160 6.30 -2.67 -18.71
N MET B 161 5.96 -2.00 -17.61
CA MET B 161 6.14 -2.60 -16.29
C MET B 161 5.34 -3.89 -16.13
N ALA B 162 4.16 -3.99 -16.75
CA ALA B 162 3.26 -5.12 -16.51
C ALA B 162 3.08 -6.01 -17.73
N GLY B 163 3.88 -5.81 -18.78
CA GLY B 163 3.74 -6.57 -20.00
C GLY B 163 4.07 -5.77 -21.25
N PRO B 164 3.58 -6.23 -22.40
CA PRO B 164 3.93 -5.59 -23.68
C PRO B 164 3.24 -4.25 -23.93
N GLN B 165 2.20 -3.91 -23.16
CA GLN B 165 1.40 -2.71 -23.41
C GLN B 165 1.40 -1.82 -22.17
N LEU B 166 1.19 -0.53 -22.43
CA LEU B 166 1.02 0.45 -21.35
C LEU B 166 -0.19 0.10 -20.48
N THR B 167 -0.01 0.13 -19.17
CA THR B 167 -1.11 -0.11 -18.23
C THR B 167 -1.07 0.93 -17.12
N LEU B 168 -2.08 0.85 -16.23
CA LEU B 168 -2.09 1.73 -15.07
C LEU B 168 -0.81 1.62 -14.25
N ALA B 169 -0.17 0.44 -14.25
CA ALA B 169 1.06 0.33 -13.47
C ALA B 169 2.11 1.32 -13.95
N ASP B 170 2.20 1.53 -15.27
CA ASP B 170 3.19 2.48 -15.78
C ASP B 170 2.86 3.89 -15.35
N LEU B 171 1.57 4.26 -15.37
CA LEU B 171 1.19 5.61 -14.95
C LEU B 171 1.53 5.85 -13.50
N SER B 172 1.27 4.87 -12.64
CA SER B 172 1.54 5.03 -11.22
C SER B 172 3.04 5.12 -10.95
N ILE B 173 3.83 4.27 -11.60
CA ILE B 173 5.25 4.19 -11.30
C ILE B 173 6.01 5.38 -11.88
N VAL B 174 5.65 5.84 -13.08
CA VAL B 174 6.48 6.84 -13.76
C VAL B 174 6.55 8.13 -12.96
N THR B 175 5.45 8.53 -12.32
CA THR B 175 5.48 9.80 -11.61
C THR B 175 6.37 9.74 -10.37
N THR B 176 6.27 8.65 -9.60
CA THR B 176 7.16 8.52 -8.46
C THR B 176 8.60 8.36 -8.92
N LEU B 177 8.82 7.58 -9.98
N LEU B 177 8.83 7.57 -9.97
CA LEU B 177 10.16 7.39 -10.50
CA LEU B 177 10.19 7.40 -10.49
C LEU B 177 10.77 8.72 -10.93
C LEU B 177 10.78 8.75 -10.91
N SER B 178 10.01 9.52 -11.69
CA SER B 178 10.50 10.84 -12.11
C SER B 178 10.85 11.71 -10.92
N THR B 179 10.19 11.49 -9.79
CA THR B 179 10.42 12.23 -8.56
C THR B 179 11.64 11.71 -7.81
N VAL B 180 11.80 10.39 -7.76
CA VAL B 180 13.02 9.84 -7.18
C VAL B 180 14.22 10.30 -7.99
N ASN B 181 14.07 10.33 -9.31
CA ASN B 181 15.10 10.63 -10.31
C ASN B 181 15.50 12.10 -10.32
N LEU B 182 14.76 12.95 -9.61
CA LEU B 182 15.28 14.29 -9.34
C LEU B 182 16.59 14.19 -8.58
N MET B 183 16.70 13.18 -7.71
CA MET B 183 17.82 13.03 -6.80
C MET B 183 18.79 11.91 -7.21
N PHE B 184 18.29 10.82 -7.80
CA PHE B 184 19.11 9.64 -8.12
C PHE B 184 19.03 9.28 -9.60
N PRO B 185 20.14 9.30 -10.34
CA PRO B 185 20.08 9.11 -11.79
C PRO B 185 19.84 7.65 -12.18
N LEU B 186 19.39 7.48 -13.43
CA LEU B 186 19.12 6.17 -14.02
C LEU B 186 20.22 5.72 -14.98
N SER B 187 21.41 6.30 -14.86
CA SER B 187 22.51 5.94 -15.76
C SER B 187 22.77 4.44 -15.75
N GLN B 188 22.65 3.80 -14.58
CA GLN B 188 23.10 2.43 -14.42
C GLN B 188 22.04 1.40 -14.78
N PHE B 189 20.84 1.85 -15.18
CA PHE B 189 19.71 0.95 -15.34
C PHE B 189 19.23 1.09 -16.78
N PRO B 190 19.82 0.35 -17.71
CA PRO B 190 19.47 0.55 -19.13
C PRO B 190 18.00 0.34 -19.43
N ARG B 191 17.37 -0.70 -18.86
CA ARG B 191 15.98 -0.95 -19.19
C ARG B 191 15.08 0.13 -18.61
N LEU B 192 15.38 0.56 -17.39
CA LEU B 192 14.61 1.61 -16.71
C LEU B 192 14.79 2.96 -17.40
N ARG B 193 16.01 3.27 -17.85
CA ARG B 193 16.22 4.54 -18.53
C ARG B 193 15.48 4.58 -19.85
N ARG B 194 15.51 3.48 -20.61
CA ARG B 194 14.79 3.42 -21.87
C ARG B 194 13.29 3.47 -21.67
N TRP B 195 12.78 2.74 -20.68
CA TRP B 195 11.36 2.81 -20.37
C TRP B 195 10.95 4.22 -20.01
N PHE B 196 11.73 4.88 -19.15
CA PHE B 196 11.39 6.24 -18.73
C PHE B 196 11.39 7.17 -19.93
N THR B 197 12.34 7.00 -20.84
CA THR B 197 12.38 7.87 -22.01
C THR B 197 11.20 7.59 -22.93
N ALA B 198 10.77 6.33 -23.05
CA ALA B 198 9.58 6.05 -23.84
C ALA B 198 8.33 6.69 -23.22
N MET B 199 8.25 6.67 -21.88
CA MET B 199 7.08 7.23 -21.20
C MET B 199 6.99 8.74 -21.45
N GLN B 200 8.14 9.41 -21.46
CA GLN B 200 8.18 10.85 -21.71
C GLN B 200 7.76 11.23 -23.13
N GLN B 201 7.69 10.27 -24.05
CA GLN B 201 7.21 10.57 -25.40
C GLN B 201 5.70 10.44 -25.54
N LEU B 202 4.99 10.06 -24.48
CA LEU B 202 3.54 9.95 -24.56
C LEU B 202 2.90 11.32 -24.38
N ASP B 203 1.84 11.59 -25.16
CA ASP B 203 1.15 12.86 -25.01
C ASP B 203 0.68 13.04 -23.59
N ALA B 204 0.13 11.98 -22.98
CA ALA B 204 -0.35 12.06 -21.61
C ALA B 204 0.75 12.42 -20.62
N TYR B 205 2.02 12.16 -20.96
CA TYR B 205 3.07 12.47 -19.99
C TYR B 205 3.22 13.97 -19.73
N GLU B 206 2.67 14.81 -20.61
CA GLU B 206 2.73 16.25 -20.35
C GLU B 206 2.15 16.60 -18.98
N ALA B 207 1.14 15.87 -18.52
CA ALA B 207 0.53 16.16 -17.23
C ALA B 207 1.46 15.98 -16.05
N ASN B 208 2.63 15.32 -16.22
CA ASN B 208 3.55 15.13 -15.11
C ASN B 208 4.52 16.30 -14.93
N CYS B 209 4.74 17.08 -15.98
CA CYS B 209 5.88 17.99 -16.00
C CYS B 209 5.71 19.13 -15.00
N SER B 210 4.53 19.76 -14.99
CA SER B 210 4.35 20.95 -14.16
C SER B 210 4.55 20.65 -12.69
N GLY B 211 3.92 19.59 -12.17
CA GLY B 211 3.99 19.30 -10.74
C GLY B 211 5.36 18.82 -10.29
N LEU B 212 6.06 18.08 -11.15
CA LEU B 212 7.41 17.66 -10.83
C LEU B 212 8.29 18.88 -10.58
N GLU B 213 8.20 19.88 -11.48
CA GLU B 213 9.03 21.07 -11.34
C GLU B 213 8.60 21.91 -10.13
N LYS B 214 7.31 21.98 -9.85
CA LYS B 214 6.86 22.65 -8.64
C LYS B 214 7.33 21.93 -7.40
N LEU B 215 7.39 20.59 -7.44
CA LEU B 215 7.89 19.86 -6.27
C LEU B 215 9.37 20.17 -6.05
N ARG B 216 10.15 20.16 -7.12
CA ARG B 216 11.55 20.51 -6.98
C ARG B 216 11.68 21.88 -6.32
N GLN B 217 11.08 22.91 -6.93
CA GLN B 217 11.11 24.25 -6.37
C GLN B 217 10.75 24.26 -4.89
N THR B 218 9.60 23.66 -4.55
CA THR B 218 9.15 23.69 -3.16
C THR B 218 10.10 22.94 -2.25
N MET B 219 10.61 21.79 -2.69
CA MET B 219 11.50 20.99 -1.85
C MET B 219 12.83 21.70 -1.64
N GLU B 220 13.43 22.19 -2.74
CA GLU B 220 14.71 22.89 -2.60
C GLU B 220 14.59 24.08 -1.66
N SER B 221 13.46 24.79 -1.69
CA SER B 221 13.27 25.90 -0.77
C SER B 221 13.03 25.41 0.65
N VAL B 222 12.15 24.42 0.82
CA VAL B 222 11.84 23.92 2.15
C VAL B 222 12.97 23.06 2.70
N GLY B 223 13.70 22.38 1.83
CA GLY B 223 14.83 21.56 2.22
C GLY B 223 16.16 22.25 2.18
N SER B 224 16.19 23.52 1.76
CA SER B 224 17.40 24.32 1.66
C SER B 224 18.55 23.51 1.07
N PHE B 225 18.35 23.12 -0.19
CA PHE B 225 19.38 22.41 -0.93
C PHE B 225 19.03 22.55 -2.40
N GLN B 226 19.77 21.83 -3.24
CA GLN B 226 19.43 21.72 -4.64
C GLN B 226 19.64 20.28 -5.10
N PHE B 227 18.69 19.78 -5.87
CA PHE B 227 18.86 18.48 -6.50
C PHE B 227 20.01 18.55 -7.50
N PRO B 228 20.82 17.48 -7.60
CA PRO B 228 21.82 17.42 -8.67
C PRO B 228 21.22 17.52 -10.07
N SER B 229 19.90 17.46 -10.18
CA SER B 229 19.22 17.49 -11.46
C SER B 229 19.15 18.90 -12.03
#